data_7WUZ
#
_entry.id   7WUZ
#
_cell.length_a   72.968
_cell.length_b   96.327
_cell.length_c   47.257
_cell.angle_alpha   90.000
_cell.angle_beta   111.060
_cell.angle_gamma   90.000
#
_symmetry.space_group_name_H-M   'C 1 2 1'
#
loop_
_entity.id
_entity.type
_entity.pdbx_description
1 polymer 'Cyanocobalamin reductase / alkylcobalamin dealkylase'
2 non-polymer CYANOCOBALAMIN
3 non-polymer 'L(+)-TARTARIC ACID'
4 non-polymer 'SULFATE ION'
5 water water
#
_entity_poly.entity_id   1
_entity_poly.type   'polypeptide(L)'
_entity_poly.pdbx_seq_one_letter_code
;EFMEPKVAELKQKIEDTLCPFGFEVYPFQVAWYNELLPPAFHLPLPGPTLAFLVLSTPAMFDRALKPFLQSCHLRMLTDP
VDQCVAYHLGRVRESLPELQIEIIADYEVHPNRRPKILAQTAAHVAGAAYYYQRQDVEADPWGNQRISGVCIHPRFGGWF
AIRGVVLLPGIEVPDLPPRKPHDCVPTRADRIALLEGFNFHWRDWTYRDAVTPQERYSEEQKAYFSTPPAQRLALLGLAQ
P
;
_entity_poly.pdbx_strand_id   A
#
# COMPACT_ATOMS: atom_id res chain seq x y z
N GLU A 1 1.22 -29.38 3.36
CA GLU A 1 2.33 -30.22 2.92
C GLU A 1 2.96 -29.66 1.65
N PHE A 2 2.19 -29.61 0.57
CA PHE A 2 2.59 -28.86 -0.62
C PHE A 2 2.01 -27.46 -0.49
N MET A 3 2.89 -26.45 -0.45
CA MET A 3 2.43 -25.10 -0.22
C MET A 3 1.97 -24.40 -1.48
N GLU A 4 2.42 -24.81 -2.66
CA GLU A 4 2.01 -24.07 -3.86
C GLU A 4 0.50 -24.01 -4.02
N PRO A 5 -0.24 -25.11 -3.87
CA PRO A 5 -1.71 -24.99 -3.90
C PRO A 5 -2.27 -24.18 -2.76
N LYS A 6 -1.64 -24.24 -1.58
CA LYS A 6 -2.10 -23.48 -0.43
C LYS A 6 -1.98 -21.98 -0.66
N VAL A 7 -0.85 -21.54 -1.23
CA VAL A 7 -0.68 -20.12 -1.50
C VAL A 7 -1.75 -19.65 -2.46
N ALA A 8 -2.03 -20.43 -3.50
CA ALA A 8 -3.04 -20.05 -4.48
C ALA A 8 -4.42 -19.97 -3.85
N GLU A 9 -4.77 -20.95 -3.01
CA GLU A 9 -6.06 -20.91 -2.34
C GLU A 9 -6.18 -19.69 -1.42
N LEU A 10 -5.13 -19.39 -0.66
CA LEU A 10 -5.23 -18.26 0.26
C LEU A 10 -5.30 -16.95 -0.49
N LYS A 11 -4.49 -16.83 -1.54
CA LYS A 11 -4.54 -15.64 -2.38
C LYS A 11 -5.93 -15.44 -2.94
N GLN A 12 -6.54 -16.52 -3.44
CA GLN A 12 -7.85 -16.39 -4.06
C GLN A 12 -8.91 -15.98 -3.04
N LYS A 13 -8.81 -16.50 -1.81
CA LYS A 13 -9.76 -16.11 -0.78
C LYS A 13 -9.63 -14.63 -0.44
N ILE A 14 -8.40 -14.14 -0.32
CA ILE A 14 -8.18 -12.73 -0.02
C ILE A 14 -8.63 -11.86 -1.20
N GLU A 15 -8.35 -12.30 -2.44
CA GLU A 15 -8.79 -11.53 -3.61
C GLU A 15 -10.31 -11.47 -3.72
N ASP A 16 -10.99 -12.58 -3.41
CA ASP A 16 -12.45 -12.60 -3.43
C ASP A 16 -13.04 -11.58 -2.45
N THR A 17 -12.39 -11.45 -1.29
CA THR A 17 -12.81 -10.48 -0.28
C THR A 17 -12.48 -9.05 -0.70
N LEU A 18 -11.32 -8.83 -1.31
CA LEU A 18 -10.83 -7.45 -1.47
C LEU A 18 -10.88 -6.90 -2.90
N CYS A 19 -10.63 -7.72 -3.91
CA CYS A 19 -10.63 -7.18 -5.28
C CYS A 19 -11.96 -6.54 -5.70
N PRO A 20 -13.15 -7.03 -5.34
CA PRO A 20 -14.37 -6.31 -5.74
C PRO A 20 -14.43 -4.88 -5.24
N PHE A 21 -13.68 -4.56 -4.19
CA PHE A 21 -13.72 -3.24 -3.58
C PHE A 21 -12.53 -2.38 -4.00
N GLY A 22 -11.80 -2.79 -5.02
CA GLY A 22 -10.75 -1.93 -5.55
C GLY A 22 -9.37 -2.19 -5.01
N PHE A 23 -9.10 -3.35 -4.43
CA PHE A 23 -7.76 -3.65 -3.93
C PHE A 23 -7.10 -4.68 -4.85
N GLU A 24 -5.76 -4.75 -4.74
CA GLU A 24 -4.94 -5.78 -5.37
C GLU A 24 -4.08 -6.44 -4.29
N VAL A 25 -3.69 -7.69 -4.52
CA VAL A 25 -3.11 -8.56 -3.49
C VAL A 25 -1.89 -9.23 -4.08
N TYR A 26 -0.75 -9.19 -3.37
CA TYR A 26 0.54 -9.72 -3.83
C TYR A 26 1.21 -10.49 -2.69
N PRO A 27 1.61 -11.75 -2.90
CA PRO A 27 2.30 -12.50 -1.86
C PRO A 27 3.78 -12.14 -1.79
N PHE A 28 4.36 -12.32 -0.60
CA PHE A 28 5.80 -12.21 -0.44
C PHE A 28 6.19 -13.05 0.77
N GLN A 29 7.49 -13.35 0.89
CA GLN A 29 8.03 -13.96 2.11
C GLN A 29 8.49 -12.89 3.08
N VAL A 30 8.28 -13.13 4.37
CA VAL A 30 8.72 -12.19 5.39
C VAL A 30 10.22 -11.94 5.28
N ALA A 31 11.01 -12.99 4.98
CA ALA A 31 12.46 -12.86 4.84
C ALA A 31 12.84 -11.77 3.84
N TRP A 32 12.11 -11.66 2.72
CA TRP A 32 12.48 -10.71 1.69
C TRP A 32 12.36 -9.28 2.20
N TYR A 33 11.36 -9.03 3.05
CA TYR A 33 11.17 -7.74 3.71
C TYR A 33 12.25 -7.50 4.78
N ASN A 34 12.42 -8.45 5.71
CA ASN A 34 13.39 -8.28 6.80
C ASN A 34 14.80 -8.11 6.26
N GLU A 35 15.12 -8.84 5.18
CA GLU A 35 16.47 -8.90 4.61
C GLU A 35 17.01 -7.52 4.34
N LEU A 36 16.14 -6.59 4.00
CA LEU A 36 16.54 -5.25 3.57
C LEU A 36 16.58 -4.23 4.70
N LEU A 37 16.27 -4.63 5.92
CA LEU A 37 15.87 -3.65 6.93
C LEU A 37 16.72 -3.79 8.18
N PRO A 38 16.93 -2.70 8.90
CA PRO A 38 17.55 -2.79 10.21
C PRO A 38 16.62 -3.45 11.21
N PRO A 39 17.17 -4.01 12.30
CA PRO A 39 16.33 -4.83 13.20
C PRO A 39 15.15 -4.11 13.81
N ALA A 40 15.18 -2.77 13.93
CA ALA A 40 14.00 -2.08 14.46
C ALA A 40 12.75 -2.37 13.65
N PHE A 41 12.90 -2.60 12.35
CA PHE A 41 11.73 -2.80 11.51
C PHE A 41 11.43 -4.27 11.21
N HIS A 42 12.16 -5.21 11.79
CA HIS A 42 11.93 -6.61 11.47
C HIS A 42 10.58 -7.08 11.98
N LEU A 43 9.87 -7.81 11.13
CA LEU A 43 8.70 -8.54 11.57
C LEU A 43 9.16 -9.79 12.31
N PRO A 44 8.82 -9.95 13.58
CA PRO A 44 9.33 -11.11 14.35
C PRO A 44 8.54 -12.37 13.99
N LEU A 45 8.73 -12.83 12.76
CA LEU A 45 8.14 -14.07 12.29
C LEU A 45 9.23 -14.83 11.57
N PRO A 46 9.10 -16.16 11.49
CA PRO A 46 10.03 -16.94 10.67
C PRO A 46 10.09 -16.39 9.26
N GLY A 47 11.30 -16.40 8.67
CA GLY A 47 11.53 -15.84 7.37
C GLY A 47 10.69 -16.38 6.26
N PRO A 48 10.43 -17.70 6.21
CA PRO A 48 9.54 -18.22 5.15
C PRO A 48 8.06 -17.90 5.36
N THR A 49 7.68 -17.12 6.38
CA THR A 49 6.28 -16.90 6.63
C THR A 49 5.62 -16.19 5.45
N LEU A 50 4.44 -16.66 5.09
CA LEU A 50 3.70 -16.09 3.96
C LEU A 50 3.06 -14.78 4.37
N ALA A 51 3.15 -13.78 3.50
CA ALA A 51 2.52 -12.49 3.73
C ALA A 51 1.86 -12.04 2.44
N PHE A 52 0.95 -11.07 2.57
CA PHE A 52 0.30 -10.48 1.40
C PHE A 52 0.34 -8.97 1.53
N LEU A 53 0.76 -8.31 0.46
CA LEU A 53 0.77 -6.85 0.35
C LEU A 53 -0.51 -6.40 -0.34
N VAL A 54 -1.25 -5.50 0.31
CA VAL A 54 -2.54 -5.02 -0.19
C VAL A 54 -2.37 -3.58 -0.64
N LEU A 55 -2.77 -3.26 -1.87
CA LEU A 55 -2.82 -1.86 -2.31
C LEU A 55 -4.20 -1.54 -2.86
N SER A 56 -4.51 -0.25 -2.97
CA SER A 56 -5.76 0.21 -3.52
C SER A 56 -5.51 0.85 -4.88
N THR A 57 -6.37 0.53 -5.85
CA THR A 57 -6.35 1.12 -7.18
C THR A 57 -7.25 2.36 -7.18
N PRO A 58 -7.34 3.12 -8.28
CA PRO A 58 -8.29 4.25 -8.30
C PRO A 58 -9.71 3.83 -8.02
N ALA A 59 -10.08 2.58 -8.30
CA ALA A 59 -11.46 2.16 -8.14
C ALA A 59 -11.86 2.01 -6.67
N MET A 60 -10.91 1.95 -5.74
CA MET A 60 -11.28 1.79 -4.34
C MET A 60 -12.21 2.90 -3.88
N PHE A 61 -11.91 4.13 -4.27
CA PHE A 61 -12.71 5.28 -3.84
C PHE A 61 -14.20 5.08 -4.15
N ASP A 62 -14.53 4.73 -5.39
CA ASP A 62 -15.93 4.50 -5.74
C ASP A 62 -16.47 3.19 -5.19
N ARG A 63 -15.68 2.13 -5.22
CA ARG A 63 -16.19 0.81 -4.89
C ARG A 63 -16.25 0.60 -3.39
N ALA A 64 -15.39 1.27 -2.62
CA ALA A 64 -15.34 1.00 -1.19
C ALA A 64 -15.68 2.22 -0.36
N LEU A 65 -14.99 3.35 -0.56
CA LEU A 65 -15.20 4.50 0.33
C LEU A 65 -16.64 5.03 0.25
N LYS A 66 -17.19 5.18 -0.96
CA LYS A 66 -18.53 5.74 -1.07
C LYS A 66 -19.58 4.87 -0.38
N PRO A 67 -19.69 3.55 -0.63
CA PRO A 67 -20.64 2.74 0.16
C PRO A 67 -20.35 2.75 1.65
N PHE A 68 -19.07 2.80 2.03
CA PHE A 68 -18.72 2.83 3.45
C PHE A 68 -19.35 4.04 4.13
N LEU A 69 -19.28 5.20 3.49
CA LEU A 69 -19.82 6.42 4.08
C LEU A 69 -21.32 6.32 4.30
N GLN A 70 -22.01 5.48 3.53
CA GLN A 70 -23.45 5.33 3.65
C GLN A 70 -23.84 4.38 4.77
N SER A 71 -22.91 3.59 5.29
CA SER A 71 -23.24 2.51 6.22
C SER A 71 -22.55 2.59 7.57
N CYS A 72 -21.49 3.36 7.72
CA CYS A 72 -20.69 3.33 8.94
C CYS A 72 -20.54 4.74 9.48
N HIS A 73 -20.58 4.87 10.81
CA HIS A 73 -20.39 6.16 11.45
C HIS A 73 -18.90 6.48 11.58
N LEU A 74 -18.53 7.70 11.24
CA LEU A 74 -17.12 8.08 11.24
C LEU A 74 -16.67 8.44 12.65
N ARG A 75 -15.56 7.85 13.10
CA ARG A 75 -14.87 8.16 14.35
C ARG A 75 -14.06 9.46 14.19
N MET A 76 -13.71 10.08 15.31
CA MET A 76 -12.87 11.27 15.17
C MET A 76 -11.40 10.93 15.02
N LEU A 77 -10.66 11.92 14.53
CA LEU A 77 -9.20 11.89 14.43
C LEU A 77 -8.67 10.71 13.63
N THR A 78 -9.50 10.11 12.77
CA THR A 78 -9.04 9.09 11.84
C THR A 78 -9.61 9.42 10.47
N ASP A 79 -8.75 9.44 9.45
CA ASP A 79 -9.22 9.80 8.12
C ASP A 79 -10.28 8.81 7.63
N PRO A 80 -11.34 9.28 6.96
CA PRO A 80 -12.37 8.36 6.46
C PRO A 80 -11.82 7.20 5.63
N VAL A 81 -10.82 7.43 4.79
CA VAL A 81 -10.26 6.35 3.98
C VAL A 81 -9.58 5.32 4.86
N ASP A 82 -8.90 5.75 5.91
CA ASP A 82 -8.27 4.82 6.84
C ASP A 82 -9.31 4.00 7.60
N GLN A 83 -10.44 4.63 7.96
CA GLN A 83 -11.52 3.85 8.55
C GLN A 83 -12.08 2.85 7.55
N CYS A 84 -12.24 3.27 6.30
CA CYS A 84 -12.71 2.35 5.27
C CYS A 84 -11.74 1.17 5.09
N VAL A 85 -10.44 1.47 5.01
CA VAL A 85 -9.46 0.41 4.82
C VAL A 85 -9.44 -0.54 6.03
N ALA A 86 -9.51 0.02 7.25
CA ALA A 86 -9.56 -0.83 8.44
C ALA A 86 -10.74 -1.78 8.39
N TYR A 87 -11.89 -1.29 7.92
CA TYR A 87 -13.07 -2.14 7.78
C TYR A 87 -12.81 -3.29 6.82
N HIS A 88 -12.20 -2.98 5.67
CA HIS A 88 -12.01 -4.03 4.67
C HIS A 88 -10.89 -4.98 5.06
N LEU A 89 -9.80 -4.47 5.66
CA LEU A 89 -8.80 -5.41 6.17
C LEU A 89 -9.43 -6.33 7.22
N GLY A 90 -10.35 -5.80 8.02
CA GLY A 90 -11.06 -6.63 8.98
C GLY A 90 -11.87 -7.74 8.34
N ARG A 91 -12.40 -7.51 7.12
CA ARG A 91 -13.14 -8.55 6.42
C ARG A 91 -12.24 -9.70 6.00
N VAL A 92 -10.93 -9.45 5.82
CA VAL A 92 -10.02 -10.56 5.51
C VAL A 92 -10.06 -11.61 6.62
N ARG A 93 -10.11 -11.19 7.88
CA ARG A 93 -10.26 -12.13 8.99
C ARG A 93 -11.53 -12.96 8.88
N GLU A 94 -12.67 -12.31 8.64
CA GLU A 94 -13.91 -13.06 8.48
C GLU A 94 -13.80 -14.08 7.36
N SER A 95 -12.94 -13.81 6.39
CA SER A 95 -12.83 -14.69 5.24
C SER A 95 -11.89 -15.86 5.49
N LEU A 96 -11.10 -15.82 6.58
CA LEU A 96 -10.20 -16.92 6.94
C LEU A 96 -10.28 -17.18 8.45
N PRO A 97 -11.47 -17.51 8.96
CA PRO A 97 -11.65 -17.58 10.42
C PRO A 97 -10.80 -18.63 11.13
N GLU A 98 -10.37 -19.68 10.43
CA GLU A 98 -9.64 -20.78 11.06
C GLU A 98 -8.13 -20.54 11.09
N LEU A 99 -7.68 -19.38 10.63
CA LEU A 99 -6.28 -19.01 10.64
C LEU A 99 -6.02 -17.87 11.62
N GLN A 100 -4.89 -17.95 12.30
CA GLN A 100 -4.32 -16.79 12.98
C GLN A 100 -3.74 -15.88 11.92
N ILE A 101 -4.29 -14.68 11.80
CA ILE A 101 -3.74 -13.73 10.85
C ILE A 101 -3.46 -12.43 11.59
N GLU A 102 -2.42 -11.74 11.13
CA GLU A 102 -2.00 -10.47 11.68
C GLU A 102 -2.03 -9.45 10.56
N ILE A 103 -2.62 -8.29 10.81
CA ILE A 103 -2.79 -7.29 9.77
C ILE A 103 -2.21 -5.98 10.26
N ILE A 104 -1.34 -5.38 9.46
CA ILE A 104 -0.77 -4.07 9.75
C ILE A 104 -1.10 -3.15 8.60
N ALA A 105 -1.83 -2.09 8.89
CA ALA A 105 -2.16 -1.09 7.89
C ALA A 105 -1.02 -0.07 7.70
N ASP A 106 -1.08 0.60 6.55
CA ASP A 106 -0.12 1.66 6.18
C ASP A 106 -0.17 2.85 7.13
N TYR A 107 -1.30 3.11 7.76
CA TYR A 107 -1.41 4.28 8.61
C TYR A 107 -0.98 4.02 10.05
N GLU A 108 -0.53 2.82 10.37
CA GLU A 108 -0.26 2.46 11.75
C GLU A 108 1.14 2.92 12.12
N VAL A 109 1.27 3.56 13.29
CA VAL A 109 2.51 4.16 13.73
C VAL A 109 2.72 3.80 15.20
N HIS A 110 3.96 3.51 15.58
CA HIS A 110 4.30 3.20 16.96
C HIS A 110 4.29 4.45 17.84
N PRO A 111 4.12 4.29 19.16
CA PRO A 111 4.21 5.46 20.05
C PRO A 111 5.54 6.19 19.95
N ASN A 112 6.60 5.54 19.45
CA ASN A 112 7.87 6.21 19.19
C ASN A 112 7.91 6.89 17.83
N ARG A 113 6.80 6.87 17.09
CA ARG A 113 6.57 7.60 15.84
C ARG A 113 7.24 6.95 14.63
N ARG A 114 7.74 5.71 14.74
CA ARG A 114 8.12 4.88 13.60
C ARG A 114 6.87 4.21 13.02
N PRO A 115 6.74 4.13 11.69
CA PRO A 115 5.61 3.37 11.10
C PRO A 115 5.76 1.90 11.42
N LYS A 116 4.62 1.22 11.57
CA LYS A 116 4.72 -0.18 12.02
C LYS A 116 5.22 -1.07 10.89
N ILE A 117 4.82 -0.78 9.67
CA ILE A 117 5.34 -1.38 8.45
C ILE A 117 5.86 -0.31 7.50
N LEU A 118 6.91 -0.68 6.75
CA LEU A 118 7.40 0.17 5.67
C LEU A 118 6.67 -0.27 4.42
N ALA A 119 5.59 0.45 4.10
CA ALA A 119 4.70 -0.04 3.05
C ALA A 119 5.40 -0.13 1.70
N GLN A 120 6.30 0.81 1.41
CA GLN A 120 6.94 0.83 0.10
C GLN A 120 7.94 -0.31 -0.05
N THR A 121 8.62 -0.69 1.03
CA THR A 121 9.53 -1.84 0.98
C THR A 121 8.75 -3.14 0.76
N ALA A 122 7.60 -3.28 1.41
CA ALA A 122 6.75 -4.44 1.17
C ALA A 122 6.25 -4.47 -0.26
N ALA A 123 5.87 -3.31 -0.80
CA ALA A 123 5.36 -3.27 -2.16
C ALA A 123 6.45 -3.66 -3.15
N HIS A 124 7.68 -3.24 -2.89
CA HIS A 124 8.80 -3.62 -3.76
C HIS A 124 9.05 -5.12 -3.71
N VAL A 125 9.20 -5.71 -2.51
CA VAL A 125 9.58 -7.13 -2.48
C VAL A 125 8.41 -8.03 -2.88
N ALA A 126 7.18 -7.52 -2.83
CA ALA A 126 6.05 -8.29 -3.32
C ALA A 126 5.90 -8.20 -4.82
N GLY A 127 6.75 -7.42 -5.48
CA GLY A 127 6.70 -7.28 -6.92
C GLY A 127 5.58 -6.41 -7.40
N ALA A 128 4.98 -5.61 -6.52
CA ALA A 128 3.79 -4.84 -6.84
C ALA A 128 4.14 -3.48 -7.44
N ALA A 129 5.13 -2.79 -6.89
CA ALA A 129 5.51 -1.48 -7.41
C ALA A 129 6.97 -1.23 -7.05
N TYR A 130 7.78 -0.92 -8.06
CA TYR A 130 9.19 -0.61 -7.82
C TYR A 130 9.31 0.60 -6.90
N TYR A 131 10.13 0.47 -5.85
CA TYR A 131 10.29 1.56 -4.87
C TYR A 131 11.53 2.38 -5.26
N TYR A 132 11.29 3.57 -5.84
CA TYR A 132 12.38 4.41 -6.32
C TYR A 132 12.88 5.27 -5.18
N GLN A 133 14.17 5.16 -4.88
CA GLN A 133 14.76 5.84 -3.74
C GLN A 133 15.87 6.76 -4.21
N ARG A 134 16.27 7.64 -3.31
CA ARG A 134 17.34 8.58 -3.60
C ARG A 134 18.56 7.87 -4.16
N GLN A 135 18.89 6.70 -3.61
CA GLN A 135 20.13 6.05 -4.01
C GLN A 135 20.03 5.41 -5.39
N ASP A 136 18.83 5.41 -5.99
CA ASP A 136 18.62 5.01 -7.38
C ASP A 136 19.03 6.07 -8.39
N VAL A 137 19.48 7.23 -7.92
CA VAL A 137 20.08 8.27 -8.76
C VAL A 137 21.49 8.49 -8.21
N GLU A 138 22.51 8.16 -8.98
CA GLU A 138 23.83 8.39 -8.43
C GLU A 138 24.16 9.88 -8.53
N ALA A 139 24.90 10.38 -7.55
CA ALA A 139 25.27 11.80 -7.49
C ALA A 139 24.02 12.66 -7.69
N ASP A 140 23.00 12.37 -6.89
CA ASP A 140 21.74 13.06 -7.05
C ASP A 140 21.90 14.55 -6.71
N PRO A 141 20.96 15.39 -7.13
CA PRO A 141 21.15 16.85 -6.98
C PRO A 141 20.76 17.45 -5.63
N TRP A 142 20.31 16.67 -4.65
CA TRP A 142 19.56 17.24 -3.54
C TRP A 142 20.39 17.50 -2.29
N GLY A 143 21.62 17.00 -2.21
CA GLY A 143 22.48 17.35 -1.08
C GLY A 143 21.90 16.92 0.25
N ASN A 144 22.02 17.79 1.26
CA ASN A 144 21.72 17.42 2.63
C ASN A 144 20.28 17.72 3.01
N GLN A 145 19.36 17.34 2.13
CA GLN A 145 17.93 17.34 2.34
C GLN A 145 17.49 15.91 2.56
N ARG A 146 16.42 15.73 3.31
CA ARG A 146 15.72 14.45 3.30
C ARG A 146 14.96 14.33 1.98
N ILE A 147 15.18 13.23 1.26
CA ILE A 147 14.49 12.98 0.00
C ILE A 147 13.76 11.65 0.15
N SER A 148 12.43 11.69 0.12
CA SER A 148 11.65 10.50 0.33
C SER A 148 11.53 9.72 -0.96
N GLY A 149 11.47 8.39 -0.85
CA GLY A 149 11.31 7.55 -2.03
C GLY A 149 9.85 7.43 -2.43
N VAL A 150 9.61 6.79 -3.58
CA VAL A 150 8.24 6.67 -4.10
C VAL A 150 8.13 5.43 -4.97
N CYS A 151 7.04 4.67 -4.78
CA CYS A 151 6.72 3.49 -5.58
C CYS A 151 5.92 3.88 -6.81
N ILE A 152 6.19 3.20 -7.93
CA ILE A 152 5.42 3.41 -9.16
C ILE A 152 4.85 2.07 -9.60
N HIS A 153 3.52 2.03 -9.74
CA HIS A 153 2.79 0.83 -10.17
C HIS A 153 2.83 0.75 -11.70
N PRO A 154 3.11 -0.41 -12.28
CA PRO A 154 3.27 -0.46 -13.75
C PRO A 154 1.98 -0.18 -14.49
N ARG A 155 0.83 -0.39 -13.88
CA ARG A 155 -0.46 -0.12 -14.53
C ARG A 155 -1.03 1.25 -14.18
N PHE A 156 -0.90 1.66 -12.92
CA PHE A 156 -1.54 2.87 -12.43
C PHE A 156 -0.57 4.01 -12.19
N GLY A 157 0.74 3.79 -12.38
CA GLY A 157 1.69 4.85 -12.09
C GLY A 157 1.72 5.11 -10.60
N GLY A 158 1.57 6.38 -10.22
CA GLY A 158 1.38 6.76 -8.84
C GLY A 158 -0.08 6.91 -8.43
N TRP A 159 -1.03 6.51 -9.29
CA TRP A 159 -2.45 6.65 -8.97
C TRP A 159 -2.92 5.37 -8.28
N PHE A 160 -2.39 5.16 -7.07
CA PHE A 160 -2.63 3.98 -6.24
C PHE A 160 -2.08 4.33 -4.86
N ALA A 161 -2.45 3.52 -3.86
CA ALA A 161 -1.86 3.66 -2.53
C ALA A 161 -1.64 2.27 -1.96
N ILE A 162 -0.67 2.17 -1.05
CA ILE A 162 -0.38 0.92 -0.36
C ILE A 162 -1.15 0.92 0.94
N ARG A 163 -1.89 -0.16 1.21
CA ARG A 163 -2.83 -0.12 2.32
C ARG A 163 -2.48 -1.05 3.48
N GLY A 164 -1.76 -2.14 3.24
CA GLY A 164 -1.42 -2.97 4.39
C GLY A 164 -0.71 -4.25 4.02
N VAL A 165 -0.35 -4.99 5.07
N VAL A 165 -0.30 -4.96 5.06
CA VAL A 165 0.27 -6.31 4.93
CA VAL A 165 0.23 -6.31 4.95
C VAL A 165 -0.47 -7.31 5.81
C VAL A 165 -0.66 -7.25 5.76
N VAL A 166 -0.87 -8.44 5.22
CA VAL A 166 -1.56 -9.51 5.93
C VAL A 166 -0.49 -10.56 6.19
N LEU A 167 -0.26 -10.88 7.45
CA LEU A 167 0.72 -11.89 7.82
C LEU A 167 0.00 -13.15 8.26
N LEU A 168 0.55 -14.32 7.91
CA LEU A 168 -0.07 -15.60 8.18
C LEU A 168 0.89 -16.48 8.97
N PRO A 169 1.10 -16.19 10.25
CA PRO A 169 2.01 -17.01 11.05
C PRO A 169 1.62 -18.48 11.03
N GLY A 170 2.63 -19.33 10.91
CA GLY A 170 2.43 -20.76 10.79
C GLY A 170 2.34 -21.26 9.36
N ILE A 171 2.14 -20.39 8.39
CA ILE A 171 2.08 -20.77 6.99
C ILE A 171 3.42 -20.38 6.39
N GLU A 172 4.29 -21.35 6.12
CA GLU A 172 5.65 -21.07 5.68
C GLU A 172 5.87 -21.61 4.27
N VAL A 173 6.40 -20.76 3.40
CA VAL A 173 6.54 -21.10 1.99
C VAL A 173 7.98 -20.75 1.61
N PRO A 174 8.96 -21.55 2.02
CA PRO A 174 10.35 -21.23 1.72
C PRO A 174 10.66 -21.19 0.24
N ASP A 175 9.88 -21.87 -0.60
CA ASP A 175 10.14 -21.86 -2.03
C ASP A 175 9.22 -20.91 -2.81
N LEU A 176 8.55 -19.98 -2.13
CA LEU A 176 7.74 -19.00 -2.85
C LEU A 176 8.62 -18.25 -3.84
N PRO A 177 8.23 -18.17 -5.11
CA PRO A 177 9.15 -17.65 -6.12
C PRO A 177 9.21 -16.13 -6.05
N PRO A 178 10.40 -15.54 -6.02
CA PRO A 178 10.49 -14.09 -6.05
C PRO A 178 10.00 -13.56 -7.39
N ARG A 179 9.21 -12.50 -7.34
CA ARG A 179 8.75 -11.78 -8.53
C ARG A 179 9.25 -10.36 -8.39
N LYS A 180 10.26 -10.02 -9.19
CA LYS A 180 10.86 -8.70 -9.06
C LYS A 180 9.87 -7.65 -9.56
N PRO A 181 9.81 -6.48 -8.92
CA PRO A 181 8.98 -5.39 -9.43
C PRO A 181 9.51 -4.86 -10.76
N HIS A 182 8.59 -4.39 -11.59
CA HIS A 182 8.95 -3.85 -12.88
C HIS A 182 9.64 -2.50 -12.73
N ASP A 183 10.85 -2.39 -13.29
CA ASP A 183 11.60 -1.14 -13.30
C ASP A 183 11.03 -0.25 -14.40
N CYS A 184 9.85 0.31 -14.13
CA CYS A 184 9.11 1.03 -15.17
C CYS A 184 9.47 2.51 -15.26
N VAL A 185 10.29 3.04 -14.34
CA VAL A 185 10.90 4.35 -14.56
C VAL A 185 12.41 4.14 -14.64
N PRO A 186 12.93 3.65 -15.76
CA PRO A 186 14.34 3.21 -15.74
C PRO A 186 15.38 4.32 -15.87
N THR A 187 15.07 5.45 -16.50
CA THR A 187 16.16 6.34 -16.86
C THR A 187 16.47 7.34 -15.75
N ARG A 188 17.69 7.86 -15.78
CA ARG A 188 18.14 8.79 -14.75
C ARG A 188 17.27 10.04 -14.72
N ALA A 189 17.09 10.68 -15.88
CA ALA A 189 16.36 11.94 -15.90
C ALA A 189 14.93 11.75 -15.41
N ASP A 190 14.31 10.61 -15.74
CA ASP A 190 12.96 10.34 -15.26
C ASP A 190 12.93 10.04 -13.77
N ARG A 191 13.97 9.35 -13.27
CA ARG A 191 14.01 9.12 -11.82
C ARG A 191 14.16 10.43 -11.05
N ILE A 192 15.01 11.34 -11.54
CA ILE A 192 15.15 12.64 -10.90
C ILE A 192 13.83 13.40 -10.91
N ALA A 193 13.16 13.43 -12.07
CA ALA A 193 11.90 14.16 -12.19
C ALA A 193 10.83 13.56 -11.29
N LEU A 194 10.79 12.24 -11.18
CA LEU A 194 9.84 11.57 -10.30
C LEU A 194 10.06 11.96 -8.85
N LEU A 195 11.31 11.86 -8.38
CA LEU A 195 11.62 12.16 -6.99
C LEU A 195 11.41 13.63 -6.68
N GLU A 196 11.79 14.51 -7.61
CA GLU A 196 11.51 15.95 -7.47
C GLU A 196 10.01 16.21 -7.35
N GLY A 197 9.23 15.63 -8.26
CA GLY A 197 7.78 15.81 -8.23
C GLY A 197 7.15 15.31 -6.95
N PHE A 198 7.59 14.15 -6.46
CA PHE A 198 7.03 13.60 -5.24
C PHE A 198 7.41 14.44 -4.02
N ASN A 199 8.67 14.87 -3.95
CA ASN A 199 9.14 15.53 -2.75
C ASN A 199 8.74 17.00 -2.71
N PHE A 200 8.75 17.69 -3.85
CA PHE A 200 8.57 19.13 -3.82
C PHE A 200 7.36 19.64 -4.56
N HIS A 201 6.61 18.78 -5.26
CA HIS A 201 5.50 19.25 -6.07
C HIS A 201 4.30 18.32 -6.01
N TRP A 202 4.19 17.50 -4.96
CA TRP A 202 3.22 16.41 -5.00
C TRP A 202 1.79 16.93 -5.01
N ARG A 203 1.56 18.18 -4.62
CA ARG A 203 0.19 18.66 -4.67
C ARG A 203 -0.30 18.91 -6.10
N ASP A 204 0.58 19.01 -7.08
CA ASP A 204 0.10 19.14 -8.45
C ASP A 204 -0.20 17.79 -9.13
N TRP A 205 0.00 16.68 -8.42
CA TRP A 205 -0.34 15.32 -8.85
C TRP A 205 0.58 14.76 -9.94
N THR A 206 1.45 15.59 -10.55
CA THR A 206 2.07 15.17 -11.80
C THR A 206 3.07 14.01 -11.61
N TYR A 207 3.62 13.80 -10.41
CA TYR A 207 4.54 12.66 -10.25
C TYR A 207 3.85 11.32 -10.50
N ARG A 208 2.54 11.26 -10.31
CA ARG A 208 1.80 10.02 -10.50
C ARG A 208 1.72 9.59 -11.96
N ASP A 209 2.01 10.50 -12.89
CA ASP A 209 2.00 10.19 -14.30
C ASP A 209 3.37 9.74 -14.80
N ALA A 210 4.26 9.28 -13.90
CA ALA A 210 5.60 8.89 -14.31
C ALA A 210 5.59 7.74 -15.31
N VAL A 211 4.55 6.91 -15.29
CA VAL A 211 4.19 6.07 -16.42
C VAL A 211 2.74 6.39 -16.78
N THR A 212 2.39 6.16 -18.04
CA THR A 212 1.05 6.44 -18.47
C THR A 212 0.07 5.53 -17.72
N PRO A 213 -0.88 6.07 -16.96
CA PRO A 213 -1.74 5.21 -16.14
C PRO A 213 -2.93 4.70 -16.94
N GLN A 214 -3.33 3.45 -16.66
CA GLN A 214 -4.57 2.92 -17.23
C GLN A 214 -5.78 3.71 -16.75
N GLU A 215 -5.72 4.24 -15.54
CA GLU A 215 -6.82 5.00 -14.94
C GLU A 215 -6.19 5.94 -13.91
N ARG A 216 -6.77 7.11 -13.77
CA ARG A 216 -6.38 8.04 -12.72
C ARG A 216 -7.49 8.11 -11.67
N TYR A 217 -7.18 8.75 -10.55
CA TYR A 217 -8.21 9.08 -9.60
C TYR A 217 -9.21 10.01 -10.27
N SER A 218 -10.49 9.83 -9.97
CA SER A 218 -11.48 10.74 -10.53
C SER A 218 -11.29 12.14 -9.96
N GLU A 219 -11.87 13.14 -10.63
CA GLU A 219 -11.80 14.50 -10.12
C GLU A 219 -12.44 14.59 -8.74
N GLU A 220 -13.49 13.79 -8.50
CA GLU A 220 -14.10 13.74 -7.18
C GLU A 220 -13.14 13.17 -6.13
N GLN A 221 -12.44 12.08 -6.47
CA GLN A 221 -11.44 11.53 -5.57
C GLN A 221 -10.29 12.52 -5.36
N LYS A 222 -9.88 13.23 -6.42
CA LYS A 222 -8.82 14.23 -6.27
C LYS A 222 -9.27 15.39 -5.39
N ALA A 223 -10.55 15.78 -5.48
CA ALA A 223 -11.09 16.80 -4.59
C ALA A 223 -10.99 16.35 -3.14
N TYR A 224 -11.29 15.08 -2.87
CA TYR A 224 -11.18 14.59 -1.51
C TYR A 224 -9.76 14.71 -0.99
N PHE A 225 -8.79 14.16 -1.73
CA PHE A 225 -7.42 14.07 -1.20
C PHE A 225 -6.74 15.42 -1.20
N SER A 226 -7.23 16.36 -2.02
N SER A 226 -7.22 16.37 -2.01
CA SER A 226 -6.75 17.73 -2.02
CA SER A 226 -6.69 17.72 -1.96
C SER A 226 -7.23 18.49 -0.78
C SER A 226 -7.29 18.55 -0.84
N THR A 227 -8.27 18.02 -0.14
CA THR A 227 -8.84 18.72 1.01
C THR A 227 -8.07 18.33 2.26
N PRO A 228 -7.71 19.30 3.12
CA PRO A 228 -6.99 18.97 4.35
C PRO A 228 -7.76 17.93 5.15
N PRO A 229 -7.04 17.01 5.80
CA PRO A 229 -7.72 15.89 6.47
C PRO A 229 -8.73 16.33 7.54
N ALA A 230 -8.42 17.37 8.30
CA ALA A 230 -9.37 17.86 9.30
C ALA A 230 -10.68 18.27 8.64
N GLN A 231 -10.58 19.04 7.55
CA GLN A 231 -11.78 19.54 6.89
C GLN A 231 -12.58 18.42 6.23
N ARG A 232 -11.91 17.46 5.59
CA ARG A 232 -12.69 16.46 4.89
C ARG A 232 -13.40 15.55 5.89
N LEU A 233 -12.79 15.30 7.04
CA LEU A 233 -13.50 14.55 8.08
C LEU A 233 -14.68 15.33 8.61
N ALA A 234 -14.51 16.64 8.81
CA ALA A 234 -15.61 17.47 9.30
C ALA A 234 -16.75 17.51 8.29
N LEU A 235 -16.42 17.61 7.00
CA LEU A 235 -17.48 17.75 5.99
C LEU A 235 -18.22 16.45 5.78
N LEU A 236 -17.49 15.33 5.76
CA LEU A 236 -18.16 14.04 5.58
C LEU A 236 -19.01 13.67 6.80
N GLY A 237 -18.52 13.99 8.00
CA GLY A 237 -19.33 13.76 9.19
C GLY A 237 -20.58 14.62 9.21
N LEU A 238 -20.48 15.84 8.69
CA LEU A 238 -21.63 16.72 8.64
C LEU A 238 -22.75 16.14 7.78
N ALA A 239 -22.39 15.51 6.67
CA ALA A 239 -23.35 15.06 5.66
C ALA A 239 -23.84 13.63 5.85
N GLN A 240 -23.31 12.90 6.84
CA GLN A 240 -23.65 11.48 7.00
C GLN A 240 -25.10 11.30 7.41
N PRO A 241 -25.75 10.20 6.98
CA PRO A 241 -27.09 9.84 7.43
C PRO A 241 -27.18 9.68 8.94
#